data_2LCE
#
_entry.id   2LCE
#
loop_
_entity.id
_entity.type
_entity.pdbx_description
1 polymer 'B-cell lymphoma 6 protein'
2 non-polymer 'ZINC ION'
#
_entity_poly.entity_id   1
_entity_poly.type   'polypeptide(L)'
_entity_poly.pdbx_seq_one_letter_code
;MGHHHHHHSHMTHSDKPYKCDRCQASFRYKGNLASHKTVHTGEKPYRCNICGAQFNRPANLKTHTRIHSGEKPY
;
_entity_poly.pdbx_strand_id   A
#
# COMPACT_ATOMS: atom_id res chain seq x y z
N MET A 11 -30.06 -8.48 1.33
CA MET A 11 -29.76 -7.04 1.07
C MET A 11 -28.50 -6.65 1.83
N THR A 12 -27.68 -5.79 1.23
CA THR A 12 -26.44 -5.33 1.85
C THR A 12 -26.10 -3.93 1.37
N HIS A 13 -25.34 -3.19 2.17
CA HIS A 13 -24.94 -1.83 1.82
C HIS A 13 -23.83 -1.85 0.78
N SER A 14 -24.03 -1.10 -0.31
CA SER A 14 -23.05 -1.03 -1.38
C SER A 14 -23.37 0.09 -2.37
N ASP A 15 -22.61 1.18 -2.31
CA ASP A 15 -22.82 2.32 -3.20
C ASP A 15 -21.50 3.03 -3.52
N LYS A 16 -20.38 2.34 -3.35
CA LYS A 16 -19.04 2.89 -3.64
C LYS A 16 -18.24 1.89 -4.48
N PRO A 17 -18.47 1.82 -5.76
CA PRO A 17 -17.74 0.87 -6.66
C PRO A 17 -16.24 1.15 -6.69
N TYR A 18 -15.85 2.36 -6.31
CA TYR A 18 -14.43 2.75 -6.30
C TYR A 18 -13.97 3.12 -4.91
N LYS A 19 -13.63 2.12 -4.12
CA LYS A 19 -13.17 2.32 -2.74
C LYS A 19 -11.81 1.65 -2.54
N CYS A 20 -11.02 2.19 -1.62
CA CYS A 20 -9.69 1.66 -1.36
C CYS A 20 -9.79 0.30 -0.66
N ASP A 21 -9.49 -0.77 -1.39
CA ASP A 21 -9.53 -2.11 -0.83
C ASP A 21 -8.29 -2.35 0.02
N ARG A 22 -7.99 -1.42 0.91
CA ARG A 22 -6.81 -1.53 1.80
C ARG A 22 -7.15 -0.98 3.19
N CYS A 23 -8.02 0.03 3.24
CA CYS A 23 -8.43 0.64 4.50
C CYS A 23 -9.93 0.94 4.47
N GLN A 24 -10.43 1.63 5.49
CA GLN A 24 -11.84 1.96 5.59
C GLN A 24 -12.27 2.96 4.51
N ALA A 25 -11.37 3.86 4.12
CA ALA A 25 -11.67 4.87 3.11
C ALA A 25 -12.46 4.29 1.93
N SER A 26 -13.39 5.08 1.40
CA SER A 26 -14.23 4.65 0.28
C SER A 26 -14.62 5.83 -0.58
N PHE A 27 -14.84 5.58 -1.88
CA PHE A 27 -15.23 6.64 -2.82
C PHE A 27 -16.13 6.12 -3.93
N ARG A 28 -16.89 7.03 -4.53
CA ARG A 28 -17.81 6.68 -5.63
C ARG A 28 -17.18 6.97 -7.00
N TYR A 29 -16.00 7.58 -6.99
CA TYR A 29 -15.28 7.94 -8.23
C TYR A 29 -13.94 7.24 -8.32
N LYS A 30 -13.53 6.90 -9.54
CA LYS A 30 -12.26 6.22 -9.77
C LYS A 30 -11.09 7.19 -9.63
N GLY A 31 -11.25 8.43 -10.09
CA GLY A 31 -10.21 9.43 -10.01
C GLY A 31 -9.92 9.76 -8.56
N ASN A 32 -10.97 9.81 -7.75
CA ASN A 32 -10.83 10.12 -6.33
C ASN A 32 -10.03 9.01 -5.67
N LEU A 33 -10.27 7.77 -6.08
CA LEU A 33 -9.57 6.63 -5.52
C LEU A 33 -8.07 6.74 -5.81
N ALA A 34 -7.74 7.11 -7.04
CA ALA A 34 -6.35 7.26 -7.44
C ALA A 34 -5.72 8.36 -6.61
N SER A 35 -6.47 9.42 -6.36
CA SER A 35 -5.98 10.54 -5.57
C SER A 35 -5.66 10.05 -4.16
N HIS A 36 -6.56 9.24 -3.61
CA HIS A 36 -6.39 8.70 -2.27
C HIS A 36 -5.20 7.73 -2.23
N LYS A 37 -4.97 7.01 -3.32
CA LYS A 37 -3.87 6.05 -3.38
C LYS A 37 -2.52 6.74 -3.17
N THR A 38 -2.43 8.02 -3.52
CA THR A 38 -1.18 8.76 -3.37
C THR A 38 -0.80 8.87 -1.89
N VAL A 39 -1.79 8.76 -1.02
CA VAL A 39 -1.58 8.85 0.43
C VAL A 39 -0.70 7.73 0.96
N HIS A 40 -0.94 6.49 0.53
CA HIS A 40 -0.17 5.34 0.98
C HIS A 40 1.29 5.42 0.55
N THR A 41 1.56 5.95 -0.63
CA THR A 41 2.94 6.07 -1.14
C THR A 41 3.68 4.73 -1.05
N GLY A 42 3.40 3.83 -1.98
CA GLY A 42 4.05 2.52 -2.00
C GLY A 42 3.30 1.57 -2.94
N GLU A 43 3.49 1.75 -4.25
CA GLU A 43 2.83 0.92 -5.25
C GLU A 43 3.49 -0.45 -5.34
N LYS A 44 3.84 -1.05 -4.21
CA LYS A 44 4.47 -2.37 -4.18
C LYS A 44 3.87 -3.23 -3.06
N PRO A 45 2.66 -3.69 -3.24
CA PRO A 45 1.97 -4.56 -2.23
C PRO A 45 2.80 -5.77 -1.80
N TYR A 46 3.45 -6.44 -2.76
CA TYR A 46 4.26 -7.62 -2.45
C TYR A 46 5.55 -7.61 -3.26
N ARG A 47 6.66 -7.94 -2.61
CA ARG A 47 7.98 -7.99 -3.27
C ARG A 47 8.75 -9.21 -2.80
N CYS A 48 9.28 -9.98 -3.73
CA CYS A 48 10.04 -11.20 -3.40
C CYS A 48 11.47 -10.86 -2.99
N ASN A 49 11.75 -11.01 -1.70
CA ASN A 49 13.08 -10.72 -1.17
C ASN A 49 14.14 -11.66 -1.78
N ILE A 50 13.72 -12.90 -2.06
CA ILE A 50 14.62 -13.91 -2.62
C ILE A 50 15.14 -13.49 -3.99
N CYS A 51 14.24 -13.05 -4.86
CA CYS A 51 14.62 -12.62 -6.23
C CYS A 51 14.57 -11.10 -6.35
N GLY A 52 13.41 -10.50 -6.08
CA GLY A 52 13.24 -9.04 -6.14
C GLY A 52 12.05 -8.64 -7.02
N ALA A 53 11.23 -9.59 -7.42
CA ALA A 53 10.07 -9.31 -8.28
C ALA A 53 8.95 -8.65 -7.49
N GLN A 54 8.32 -7.65 -8.11
CA GLN A 54 7.20 -6.92 -7.49
C GLN A 54 5.88 -7.42 -8.03
N PHE A 55 4.92 -7.63 -7.15
CA PHE A 55 3.59 -8.12 -7.55
C PHE A 55 2.47 -7.30 -6.91
N ASN A 56 1.39 -7.10 -7.66
CA ASN A 56 0.23 -6.35 -7.20
C ASN A 56 -0.88 -7.31 -6.80
N ARG A 57 -0.64 -8.60 -6.97
CA ARG A 57 -1.65 -9.63 -6.63
C ARG A 57 -0.99 -10.82 -5.88
N PRO A 58 -1.60 -11.31 -4.83
CA PRO A 58 -1.01 -12.46 -4.05
C PRO A 58 -1.08 -13.77 -4.84
N ALA A 59 -2.01 -13.85 -5.79
CA ALA A 59 -2.16 -15.06 -6.60
C ALA A 59 -0.86 -15.38 -7.31
N ASN A 60 -0.30 -14.39 -8.00
CA ASN A 60 0.95 -14.57 -8.71
C ASN A 60 2.08 -14.89 -7.74
N LEU A 61 2.06 -14.23 -6.58
CA LEU A 61 3.08 -14.46 -5.57
C LEU A 61 3.00 -15.90 -5.06
N LYS A 62 1.78 -16.37 -4.84
CA LYS A 62 1.56 -17.73 -4.39
C LYS A 62 2.17 -18.70 -5.39
N THR A 63 1.89 -18.46 -6.67
CA THR A 63 2.41 -19.30 -7.73
C THR A 63 3.93 -19.14 -7.81
N HIS A 64 4.42 -17.96 -7.45
CA HIS A 64 5.85 -17.69 -7.47
C HIS A 64 6.51 -18.45 -6.31
N THR A 65 5.84 -18.47 -5.17
CA THR A 65 6.37 -19.17 -4.01
C THR A 65 6.50 -20.66 -4.31
N ARG A 66 5.80 -21.09 -5.36
CA ARG A 66 5.84 -22.50 -5.76
C ARG A 66 7.28 -23.00 -5.85
N ILE A 67 8.16 -22.22 -6.47
CA ILE A 67 9.56 -22.60 -6.59
C ILE A 67 10.25 -22.53 -5.23
N HIS A 68 9.95 -21.50 -4.45
CA HIS A 68 10.53 -21.34 -3.13
C HIS A 68 9.94 -22.33 -2.15
N SER A 69 8.81 -22.93 -2.52
CA SER A 69 8.15 -23.90 -1.66
C SER A 69 9.11 -25.04 -1.32
N GLY A 70 9.83 -24.90 -0.23
CA GLY A 70 10.79 -25.91 0.20
C GLY A 70 10.14 -26.92 1.14
N GLU A 71 9.76 -28.07 0.60
CA GLU A 71 9.12 -29.11 1.40
C GLU A 71 9.06 -30.42 0.62
N LYS A 72 9.60 -30.41 -0.60
CA LYS A 72 9.62 -31.60 -1.45
C LYS A 72 10.58 -31.39 -2.62
N PRO A 73 11.87 -31.42 -2.36
CA PRO A 73 12.91 -31.23 -3.42
C PRO A 73 12.73 -32.19 -4.61
N TYR A 74 12.32 -33.42 -4.32
CA TYR A 74 12.13 -34.43 -5.36
C TYR A 74 11.37 -35.62 -4.80
N MET A 11 -28.56 -2.59 -9.03
CA MET A 11 -28.93 -3.57 -7.97
C MET A 11 -28.29 -3.16 -6.66
N THR A 12 -26.98 -2.87 -6.71
CA THR A 12 -26.26 -2.47 -5.50
C THR A 12 -26.82 -1.16 -4.96
N HIS A 13 -27.13 -1.14 -3.66
CA HIS A 13 -27.68 0.05 -3.02
C HIS A 13 -26.60 1.11 -2.81
N SER A 14 -25.41 0.69 -2.42
CA SER A 14 -24.30 1.60 -2.19
C SER A 14 -23.74 2.15 -3.49
N ASP A 15 -23.96 3.42 -3.74
CA ASP A 15 -23.48 4.07 -4.96
C ASP A 15 -22.01 4.46 -4.83
N LYS A 16 -21.23 3.63 -4.16
CA LYS A 16 -19.79 3.85 -3.95
C LYS A 16 -18.99 2.60 -4.32
N PRO A 17 -18.93 2.26 -5.58
CA PRO A 17 -18.19 1.05 -6.03
C PRO A 17 -16.67 1.26 -6.00
N TYR A 18 -16.24 2.50 -5.85
CA TYR A 18 -14.81 2.82 -5.82
C TYR A 18 -14.34 3.10 -4.40
N LYS A 19 -13.69 2.12 -3.79
CA LYS A 19 -13.19 2.26 -2.42
C LYS A 19 -11.83 1.60 -2.30
N CYS A 20 -11.01 2.10 -1.38
CA CYS A 20 -9.67 1.55 -1.18
C CYS A 20 -9.71 0.27 -0.36
N ASP A 21 -9.46 -0.85 -1.01
CA ASP A 21 -9.45 -2.14 -0.34
C ASP A 21 -8.33 -2.18 0.71
N ARG A 22 -7.23 -1.50 0.43
CA ARG A 22 -6.10 -1.46 1.36
C ARG A 22 -6.47 -0.70 2.62
N CYS A 23 -7.58 0.03 2.57
CA CYS A 23 -8.07 0.81 3.72
C CYS A 23 -9.57 0.67 3.84
N GLN A 24 -10.18 1.51 4.68
CA GLN A 24 -11.64 1.47 4.90
C GLN A 24 -12.36 2.57 4.11
N ALA A 25 -11.66 3.67 3.83
CA ALA A 25 -12.24 4.79 3.08
C ALA A 25 -13.04 4.32 1.87
N SER A 26 -13.97 5.15 1.41
CA SER A 26 -14.82 4.82 0.25
C SER A 26 -14.97 6.02 -0.67
N PHE A 27 -15.07 5.78 -1.98
CA PHE A 27 -15.21 6.85 -2.97
C PHE A 27 -16.21 6.49 -4.08
N ARG A 28 -16.79 7.51 -4.70
CA ARG A 28 -17.77 7.31 -5.78
C ARG A 28 -17.10 7.41 -7.14
N TYR A 29 -15.95 8.09 -7.20
CA TYR A 29 -15.22 8.29 -8.46
C TYR A 29 -13.91 7.49 -8.46
N LYS A 30 -13.57 6.93 -9.62
CA LYS A 30 -12.34 6.16 -9.75
C LYS A 30 -11.10 7.04 -9.55
N GLY A 31 -11.15 8.26 -10.05
CA GLY A 31 -10.03 9.18 -9.91
C GLY A 31 -9.77 9.49 -8.44
N ASN A 32 -10.84 9.62 -7.68
CA ASN A 32 -10.71 9.89 -6.25
C ASN A 32 -10.00 8.73 -5.56
N LEU A 33 -10.31 7.51 -5.99
CA LEU A 33 -9.71 6.33 -5.42
C LEU A 33 -8.20 6.36 -5.66
N ALA A 34 -7.81 6.70 -6.89
CA ALA A 34 -6.41 6.79 -7.25
C ALA A 34 -5.76 7.93 -6.49
N SER A 35 -6.52 9.02 -6.31
CA SER A 35 -6.02 10.18 -5.59
C SER A 35 -5.73 9.79 -4.15
N HIS A 36 -6.61 9.00 -3.56
CA HIS A 36 -6.45 8.55 -2.19
C HIS A 36 -5.15 7.76 -2.04
N LYS A 37 -4.82 6.94 -3.02
CA LYS A 37 -3.59 6.14 -2.96
C LYS A 37 -2.36 7.03 -2.83
N THR A 38 -2.36 8.20 -3.48
CA THR A 38 -1.22 9.11 -3.42
C THR A 38 -0.80 9.36 -1.98
N VAL A 39 -1.74 9.23 -1.06
CA VAL A 39 -1.50 9.46 0.36
C VAL A 39 -0.57 8.41 0.98
N HIS A 40 -0.80 7.14 0.66
CA HIS A 40 -0.02 6.01 1.21
C HIS A 40 0.57 5.13 0.11
N THR A 41 1.03 5.74 -0.98
CA THR A 41 1.61 4.98 -2.11
C THR A 41 2.43 3.78 -1.64
N GLY A 42 3.29 4.00 -0.65
CA GLY A 42 4.12 2.94 -0.10
C GLY A 42 4.99 3.47 1.04
N GLU A 43 4.35 3.87 2.13
CA GLU A 43 5.06 4.40 3.29
C GLU A 43 5.85 3.30 4.00
N LYS A 44 5.31 2.09 4.04
CA LYS A 44 5.98 0.97 4.69
C LYS A 44 6.31 1.33 6.15
N PRO A 45 5.32 1.39 7.00
CA PRO A 45 5.52 1.72 8.45
C PRO A 45 6.62 0.89 9.12
N TYR A 46 6.51 -0.43 9.07
CA TYR A 46 7.51 -1.32 9.69
C TYR A 46 7.70 -2.59 8.86
N ARG A 47 8.94 -3.04 8.76
CA ARG A 47 9.26 -4.26 8.01
C ARG A 47 10.31 -5.08 8.77
N CYS A 48 10.09 -6.38 8.86
CA CYS A 48 11.03 -7.27 9.58
C CYS A 48 12.26 -7.57 8.72
N ASN A 49 13.40 -7.02 9.13
CA ASN A 49 14.65 -7.21 8.41
C ASN A 49 15.02 -8.70 8.39
N ILE A 50 14.77 -9.40 9.48
CA ILE A 50 15.09 -10.82 9.60
C ILE A 50 14.33 -11.65 8.57
N CYS A 51 13.03 -11.37 8.42
CA CYS A 51 12.19 -12.10 7.47
C CYS A 51 11.92 -11.24 6.24
N GLY A 52 11.19 -10.15 6.40
CA GLY A 52 10.87 -9.24 5.30
C GLY A 52 9.36 -9.08 5.10
N ALA A 53 8.59 -9.16 6.18
CA ALA A 53 7.12 -9.03 6.11
C ALA A 53 6.69 -7.59 6.33
N GLN A 54 5.54 -7.23 5.75
CA GLN A 54 5.00 -5.88 5.88
C GLN A 54 4.01 -5.81 7.03
N PHE A 55 4.03 -4.72 7.79
CA PHE A 55 3.13 -4.55 8.95
C PHE A 55 2.47 -3.18 8.95
N ASN A 56 1.25 -3.13 9.50
CA ASN A 56 0.47 -1.88 9.58
C ASN A 56 0.40 -1.39 11.03
N ARG A 57 0.92 -2.21 11.95
CA ARG A 57 0.91 -1.86 13.38
C ARG A 57 2.17 -2.40 14.08
N PRO A 58 2.73 -1.68 15.02
CA PRO A 58 3.96 -2.14 15.75
C PRO A 58 3.66 -3.33 16.67
N ALA A 59 2.41 -3.47 17.09
CA ALA A 59 2.02 -4.57 17.97
C ALA A 59 2.19 -5.90 17.25
N ASN A 60 2.02 -5.88 15.93
CA ASN A 60 2.15 -7.08 15.12
C ASN A 60 3.60 -7.58 15.13
N LEU A 61 4.54 -6.64 15.21
CA LEU A 61 5.95 -7.00 15.23
C LEU A 61 6.24 -7.81 16.47
N LYS A 62 5.66 -7.40 17.60
CA LYS A 62 5.85 -8.08 18.85
C LYS A 62 5.38 -9.53 18.72
N THR A 63 4.23 -9.69 18.07
CA THR A 63 3.66 -11.02 17.86
C THR A 63 4.48 -11.79 16.83
N HIS A 64 4.86 -11.10 15.76
CA HIS A 64 5.67 -11.71 14.70
C HIS A 64 7.03 -12.10 15.27
N THR A 65 7.64 -11.19 16.02
CA THR A 65 8.95 -11.48 16.60
C THR A 65 8.89 -12.81 17.37
N ARG A 66 7.80 -13.02 18.10
CA ARG A 66 7.62 -14.26 18.87
C ARG A 66 8.10 -15.48 18.06
N ILE A 67 8.00 -15.38 16.74
CA ILE A 67 8.43 -16.46 15.86
C ILE A 67 9.93 -16.63 15.93
N HIS A 68 10.67 -15.53 15.90
CA HIS A 68 12.15 -15.55 15.95
C HIS A 68 12.65 -14.67 17.10
N SER A 69 11.86 -14.56 18.16
CA SER A 69 12.24 -13.75 19.31
C SER A 69 13.55 -14.25 19.91
N GLY A 70 13.68 -15.57 20.03
CA GLY A 70 14.88 -16.17 20.59
C GLY A 70 14.93 -17.66 20.29
N GLU A 71 13.75 -18.29 20.21
CA GLU A 71 13.67 -19.72 19.93
C GLU A 71 14.19 -20.03 18.53
N LYS A 72 14.98 -21.08 18.42
CA LYS A 72 15.56 -21.48 17.14
C LYS A 72 14.48 -22.11 16.23
N PRO A 73 14.59 -21.98 14.94
CA PRO A 73 13.57 -22.56 13.99
C PRO A 73 13.55 -24.10 14.02
N TYR A 74 12.38 -24.67 13.76
CA TYR A 74 12.20 -26.11 13.75
C TYR A 74 13.12 -26.77 12.72
N MET A 11 -21.96 -9.27 0.56
CA MET A 11 -21.54 -7.97 -0.03
C MET A 11 -22.72 -7.37 -0.80
N THR A 12 -23.45 -6.48 -0.14
CA THR A 12 -24.61 -5.84 -0.77
C THR A 12 -24.15 -4.75 -1.73
N HIS A 13 -25.03 -4.36 -2.65
CA HIS A 13 -24.70 -3.32 -3.63
C HIS A 13 -24.56 -1.96 -2.94
N SER A 14 -23.65 -1.14 -3.46
CA SER A 14 -23.41 0.19 -2.89
C SER A 14 -23.22 1.23 -4.00
N ASP A 15 -23.58 2.48 -3.72
CA ASP A 15 -23.45 3.55 -4.70
C ASP A 15 -21.99 3.96 -4.86
N LYS A 16 -21.10 3.41 -4.04
CA LYS A 16 -19.65 3.71 -4.09
C LYS A 16 -18.89 2.47 -4.57
N PRO A 17 -18.80 2.24 -5.86
CA PRO A 17 -18.07 1.05 -6.40
C PRO A 17 -16.54 1.25 -6.33
N TYR A 18 -16.11 2.46 -6.03
CA TYR A 18 -14.67 2.77 -5.96
C TYR A 18 -14.25 3.07 -4.53
N LYS A 19 -13.61 2.10 -3.89
CA LYS A 19 -13.16 2.27 -2.50
C LYS A 19 -11.80 1.62 -2.33
N CYS A 20 -11.01 2.12 -1.39
CA CYS A 20 -9.68 1.58 -1.15
C CYS A 20 -9.75 0.30 -0.33
N ASP A 21 -9.47 -0.82 -0.98
CA ASP A 21 -9.48 -2.13 -0.31
C ASP A 21 -8.39 -2.18 0.75
N ARG A 22 -7.27 -1.50 0.49
CA ARG A 22 -6.15 -1.48 1.44
C ARG A 22 -6.54 -0.72 2.71
N CYS A 23 -7.59 0.08 2.62
CA CYS A 23 -8.09 0.87 3.76
C CYS A 23 -9.60 0.69 3.90
N GLN A 24 -10.22 1.48 4.77
CA GLN A 24 -11.66 1.42 5.01
C GLN A 24 -12.41 2.50 4.24
N ALA A 25 -11.74 3.61 3.94
CA ALA A 25 -12.36 4.73 3.22
C ALA A 25 -13.17 4.24 2.01
N SER A 26 -13.89 5.16 1.37
CA SER A 26 -14.70 4.83 0.20
C SER A 26 -14.84 6.04 -0.73
N PHE A 27 -15.10 5.80 -2.00
CA PHE A 27 -15.26 6.87 -2.99
C PHE A 27 -16.25 6.50 -4.10
N ARG A 28 -16.87 7.51 -4.68
CA ARG A 28 -17.84 7.30 -5.76
C ARG A 28 -17.17 7.42 -7.13
N TYR A 29 -16.00 8.03 -7.18
CA TYR A 29 -15.26 8.22 -8.44
C TYR A 29 -13.95 7.44 -8.43
N LYS A 30 -13.60 6.86 -9.57
CA LYS A 30 -12.37 6.09 -9.70
C LYS A 30 -11.15 6.98 -9.53
N GLY A 31 -11.20 8.21 -10.05
CA GLY A 31 -10.09 9.14 -9.94
C GLY A 31 -9.83 9.49 -8.49
N ASN A 32 -10.91 9.61 -7.71
CA ASN A 32 -10.79 9.93 -6.31
C ASN A 32 -10.04 8.81 -5.60
N LEU A 33 -10.32 7.57 -5.99
CA LEU A 33 -9.66 6.42 -5.39
C LEU A 33 -8.16 6.50 -5.63
N ALA A 34 -7.79 6.86 -6.85
CA ALA A 34 -6.38 6.98 -7.20
C ALA A 34 -5.75 8.11 -6.41
N SER A 35 -6.51 9.20 -6.24
CA SER A 35 -6.02 10.34 -5.49
C SER A 35 -5.70 9.93 -4.07
N HIS A 36 -6.52 9.02 -3.53
CA HIS A 36 -6.33 8.53 -2.17
C HIS A 36 -5.08 7.67 -2.08
N LYS A 37 -4.80 6.92 -3.14
CA LYS A 37 -3.63 6.04 -3.15
C LYS A 37 -2.34 6.85 -3.03
N THR A 38 -2.34 8.09 -3.50
CA THR A 38 -1.16 8.94 -3.45
C THR A 38 -0.73 9.17 -2.00
N VAL A 39 -1.71 9.16 -1.10
CA VAL A 39 -1.47 9.40 0.32
C VAL A 39 -0.54 8.36 0.94
N HIS A 40 -0.78 7.08 0.64
CA HIS A 40 0.03 5.97 1.19
C HIS A 40 0.58 5.06 0.09
N THR A 41 0.90 5.62 -1.07
CA THR A 41 1.41 4.83 -2.18
C THR A 41 2.67 4.07 -1.77
N GLY A 42 3.52 4.70 -0.98
CA GLY A 42 4.77 4.08 -0.53
C GLY A 42 5.69 5.10 0.12
N GLU A 43 6.02 6.16 -0.63
CA GLU A 43 6.89 7.22 -0.14
C GLU A 43 6.27 7.91 1.08
N LYS A 44 7.04 8.04 2.15
CA LYS A 44 6.54 8.68 3.37
C LYS A 44 7.70 8.99 4.34
N PRO A 45 8.62 9.82 3.94
CA PRO A 45 9.79 10.21 4.78
C PRO A 45 9.44 10.39 6.25
N TYR A 46 9.45 9.28 6.99
CA TYR A 46 9.13 9.30 8.42
C TYR A 46 9.97 10.31 9.17
N ARG A 47 9.48 10.76 10.32
CA ARG A 47 10.18 11.74 11.15
C ARG A 47 10.08 11.35 12.62
N CYS A 48 11.20 11.36 13.32
CA CYS A 48 11.23 11.00 14.74
C CYS A 48 10.75 12.15 15.62
N ASN A 49 9.56 11.99 16.20
CA ASN A 49 8.97 13.01 17.06
C ASN A 49 9.84 13.22 18.30
N ILE A 50 10.39 12.14 18.84
CA ILE A 50 11.23 12.20 20.04
C ILE A 50 12.51 13.00 19.79
N CYS A 51 13.17 12.74 18.65
CA CYS A 51 14.41 13.42 18.30
C CYS A 51 14.15 14.50 17.25
N GLY A 52 13.87 14.08 16.02
CA GLY A 52 13.59 15.01 14.92
C GLY A 52 14.23 14.57 13.60
N ALA A 53 14.90 13.43 13.60
CA ALA A 53 15.56 12.92 12.40
C ALA A 53 14.55 12.43 11.37
N GLN A 54 14.90 12.58 10.10
CA GLN A 54 14.04 12.16 8.98
C GLN A 54 14.53 10.83 8.42
N PHE A 55 13.60 9.92 8.16
CA PHE A 55 13.96 8.60 7.61
C PHE A 55 13.13 8.25 6.38
N ASN A 56 13.81 7.74 5.36
CA ASN A 56 13.15 7.35 4.11
C ASN A 56 12.91 5.85 4.09
N ARG A 57 13.21 5.20 5.22
CA ARG A 57 13.02 3.74 5.34
C ARG A 57 12.40 3.37 6.70
N PRO A 58 11.40 2.53 6.74
CA PRO A 58 10.76 2.14 8.04
C PRO A 58 11.66 1.24 8.87
N ALA A 59 12.51 0.46 8.21
CA ALA A 59 13.42 -0.44 8.90
C ALA A 59 14.37 0.34 9.77
N ASN A 60 14.87 1.45 9.24
CA ASN A 60 15.79 2.29 9.98
C ASN A 60 15.09 2.88 11.21
N LEU A 61 13.83 3.29 11.03
CA LEU A 61 13.06 3.86 12.13
C LEU A 61 12.88 2.81 13.23
N LYS A 62 12.59 1.58 12.83
CA LYS A 62 12.41 0.50 13.76
C LYS A 62 13.67 0.32 14.58
N THR A 63 14.82 0.29 13.89
CA THR A 63 16.10 0.15 14.54
C THR A 63 16.36 1.36 15.43
N HIS A 64 15.87 2.53 14.99
CA HIS A 64 16.04 3.75 15.77
C HIS A 64 15.19 3.68 17.03
N THR A 65 13.98 3.15 16.89
CA THR A 65 13.07 3.02 18.03
C THR A 65 13.70 2.11 19.07
N ARG A 66 14.70 1.33 18.65
CA ARG A 66 15.38 0.42 19.56
C ARG A 66 15.87 1.17 20.79
N ILE A 67 16.41 2.37 20.61
CA ILE A 67 16.91 3.16 21.75
C ILE A 67 15.74 3.64 22.61
N HIS A 68 14.64 4.03 21.98
CA HIS A 68 13.46 4.51 22.69
C HIS A 68 12.73 3.34 23.35
N SER A 69 13.37 2.18 23.34
CA SER A 69 12.80 0.97 23.95
C SER A 69 13.89 0.15 24.62
N GLY A 70 13.56 -0.43 25.77
CA GLY A 70 14.52 -1.24 26.52
C GLY A 70 15.85 -0.52 26.69
N GLU A 71 15.89 0.44 27.61
CA GLU A 71 17.10 1.22 27.87
C GLU A 71 18.07 0.42 28.73
N LYS A 72 19.08 -0.16 28.08
CA LYS A 72 20.08 -0.95 28.79
C LYS A 72 19.41 -2.05 29.62
N PRO A 73 18.89 -3.06 28.98
CA PRO A 73 18.19 -4.19 29.70
C PRO A 73 19.10 -4.89 30.72
N TYR A 74 18.50 -5.33 31.82
CA TYR A 74 19.23 -6.02 32.87
C TYR A 74 19.96 -7.23 32.31
N MET A 11 -25.12 -7.67 -4.85
CA MET A 11 -23.66 -7.97 -4.87
C MET A 11 -22.98 -7.07 -5.90
N THR A 12 -23.35 -7.23 -7.17
CA THR A 12 -22.77 -6.43 -8.24
C THR A 12 -23.17 -4.96 -8.10
N HIS A 13 -24.41 -4.73 -7.68
CA HIS A 13 -24.91 -3.37 -7.50
C HIS A 13 -24.28 -2.71 -6.28
N SER A 14 -23.70 -1.52 -6.47
CA SER A 14 -23.08 -0.79 -5.37
C SER A 14 -22.86 0.68 -5.75
N ASP A 15 -23.27 1.59 -4.88
CA ASP A 15 -23.12 3.02 -5.13
C ASP A 15 -21.66 3.44 -4.96
N LYS A 16 -20.80 2.53 -4.53
CA LYS A 16 -19.36 2.78 -4.34
C LYS A 16 -18.53 1.71 -5.04
N PRO A 17 -18.46 1.75 -6.34
CA PRO A 17 -17.67 0.75 -7.12
C PRO A 17 -16.16 1.07 -7.11
N TYR A 18 -15.78 2.13 -6.41
CA TYR A 18 -14.36 2.52 -6.33
C TYR A 18 -13.98 2.91 -4.91
N LYS A 19 -13.74 1.90 -4.08
CA LYS A 19 -13.37 2.11 -2.67
C LYS A 19 -12.01 1.49 -2.39
N CYS A 20 -11.17 2.21 -1.66
CA CYS A 20 -9.84 1.74 -1.36
C CYS A 20 -9.89 0.49 -0.49
N ASP A 21 -9.67 -0.67 -1.11
CA ASP A 21 -9.68 -1.93 -0.39
C ASP A 21 -8.48 -2.00 0.55
N ARG A 22 -7.45 -1.21 0.27
CA ARG A 22 -6.24 -1.20 1.09
C ARG A 22 -6.55 -0.61 2.47
N CYS A 23 -7.39 0.41 2.51
CA CYS A 23 -7.78 1.07 3.76
C CYS A 23 -9.26 0.87 4.02
N GLN A 24 -9.82 1.66 4.94
CA GLN A 24 -11.24 1.56 5.29
C GLN A 24 -12.08 2.59 4.53
N ALA A 25 -11.46 3.67 4.07
CA ALA A 25 -12.16 4.72 3.33
C ALA A 25 -12.93 4.15 2.14
N SER A 26 -13.70 5.00 1.47
CA SER A 26 -14.49 4.58 0.31
C SER A 26 -14.76 5.77 -0.62
N PHE A 27 -15.03 5.49 -1.89
CA PHE A 27 -15.30 6.55 -2.87
C PHE A 27 -16.15 6.04 -4.04
N ARG A 28 -16.88 6.96 -4.67
CA ARG A 28 -17.74 6.63 -5.80
C ARG A 28 -17.05 6.89 -7.13
N TYR A 29 -15.98 7.68 -7.10
CA TYR A 29 -15.23 8.03 -8.32
C TYR A 29 -13.86 7.35 -8.33
N LYS A 30 -13.47 6.84 -9.48
CA LYS A 30 -12.17 6.16 -9.62
C LYS A 30 -11.03 7.16 -9.50
N GLY A 31 -11.22 8.37 -10.01
CA GLY A 31 -10.19 9.41 -9.95
C GLY A 31 -9.90 9.78 -8.50
N ASN A 32 -10.95 9.81 -7.69
CA ASN A 32 -10.81 10.15 -6.29
C ASN A 32 -9.93 9.11 -5.61
N LEU A 33 -10.08 7.86 -6.02
CA LEU A 33 -9.30 6.76 -5.46
C LEU A 33 -7.83 6.97 -5.76
N ALA A 34 -7.53 7.45 -6.97
CA ALA A 34 -6.16 7.69 -7.36
C ALA A 34 -5.57 8.75 -6.46
N SER A 35 -6.37 9.76 -6.12
CA SER A 35 -5.92 10.83 -5.25
C SER A 35 -5.58 10.27 -3.88
N HIS A 36 -6.44 9.39 -3.38
CA HIS A 36 -6.24 8.76 -2.07
C HIS A 36 -5.14 7.69 -2.15
N LYS A 37 -5.03 7.00 -3.27
CA LYS A 37 -4.02 5.96 -3.44
C LYS A 37 -2.61 6.54 -3.40
N THR A 38 -2.45 7.78 -3.86
CA THR A 38 -1.13 8.43 -3.87
C THR A 38 -0.66 8.71 -2.44
N VAL A 39 -1.60 8.78 -1.51
CA VAL A 39 -1.32 9.06 -0.10
C VAL A 39 -0.44 7.98 0.53
N HIS A 40 -0.73 6.72 0.27
CA HIS A 40 0.03 5.59 0.84
C HIS A 40 0.56 4.65 -0.24
N THR A 41 0.87 5.18 -1.41
CA THR A 41 1.40 4.35 -2.51
C THR A 41 2.80 3.85 -2.19
N GLY A 42 3.08 2.62 -2.59
CA GLY A 42 4.39 2.02 -2.36
C GLY A 42 4.56 0.73 -3.15
N GLU A 43 5.24 0.82 -4.30
CA GLU A 43 5.46 -0.35 -5.15
C GLU A 43 6.41 -1.35 -4.49
N LYS A 44 7.43 -0.86 -3.80
CA LYS A 44 8.39 -1.74 -3.13
C LYS A 44 9.30 -0.92 -2.20
N PRO A 45 8.74 -0.10 -1.35
CA PRO A 45 9.52 0.74 -0.39
C PRO A 45 10.25 -0.12 0.65
N TYR A 46 10.57 0.49 1.79
CA TYR A 46 11.28 -0.20 2.86
C TYR A 46 10.81 0.26 4.23
N ARG A 47 10.83 -0.66 5.20
CA ARG A 47 10.40 -0.36 6.57
C ARG A 47 11.40 -0.93 7.57
N CYS A 48 11.58 -0.23 8.69
CA CYS A 48 12.53 -0.67 9.72
C CYS A 48 11.95 -1.80 10.56
N ASN A 49 12.79 -2.77 10.92
CA ASN A 49 12.37 -3.91 11.73
C ASN A 49 12.20 -3.49 13.19
N ILE A 50 12.65 -2.29 13.53
CA ILE A 50 12.57 -1.77 14.91
C ILE A 50 11.21 -1.13 15.17
N CYS A 51 10.91 -0.02 14.49
CA CYS A 51 9.63 0.68 14.67
C CYS A 51 8.63 0.23 13.63
N GLY A 52 9.01 0.30 12.36
CA GLY A 52 8.12 -0.11 11.25
C GLY A 52 7.86 1.03 10.27
N ALA A 53 8.73 2.05 10.26
CA ALA A 53 8.58 3.19 9.37
C ALA A 53 8.39 2.75 7.92
N GLN A 54 8.29 3.72 7.02
CA GLN A 54 8.11 3.44 5.60
C GLN A 54 8.83 4.51 4.77
N PHE A 55 9.51 4.09 3.69
CA PHE A 55 10.24 5.02 2.83
C PHE A 55 10.27 4.54 1.38
N ASN A 56 10.07 5.47 0.45
CA ASN A 56 10.10 5.16 -0.99
C ASN A 56 11.48 5.44 -1.55
N ARG A 57 12.42 5.82 -0.69
CA ARG A 57 13.79 6.12 -1.11
C ARG A 57 14.81 5.65 -0.05
N PRO A 58 15.93 5.13 -0.43
CA PRO A 58 16.96 4.65 0.56
C PRO A 58 17.63 5.82 1.28
N ALA A 59 17.78 6.96 0.61
CA ALA A 59 18.40 8.13 1.20
C ALA A 59 17.64 8.54 2.45
N ASN A 60 16.33 8.62 2.35
CA ASN A 60 15.49 8.99 3.48
C ASN A 60 15.61 7.95 4.58
N LEU A 61 15.78 6.69 4.20
CA LEU A 61 15.90 5.61 5.18
C LEU A 61 17.14 5.85 6.04
N LYS A 62 18.24 6.18 5.40
CA LYS A 62 19.50 6.46 6.09
C LYS A 62 19.29 7.64 7.02
N THR A 63 18.58 8.65 6.54
CA THR A 63 18.30 9.83 7.33
C THR A 63 17.40 9.47 8.50
N HIS A 64 16.61 8.41 8.34
CA HIS A 64 15.72 7.95 9.39
C HIS A 64 16.49 7.07 10.36
N THR A 65 17.36 6.21 9.82
CA THR A 65 18.16 5.33 10.66
C THR A 65 18.88 6.15 11.73
N ARG A 66 18.96 7.46 11.50
CA ARG A 66 19.62 8.35 12.43
C ARG A 66 19.04 8.16 13.84
N ILE A 67 17.73 8.01 13.96
CA ILE A 67 17.08 7.81 15.26
C ILE A 67 17.51 6.48 15.86
N HIS A 68 17.63 5.45 15.02
CA HIS A 68 18.03 4.12 15.49
C HIS A 68 19.50 4.11 15.85
N SER A 69 20.26 5.03 15.25
CA SER A 69 21.69 5.13 15.51
C SER A 69 22.37 3.80 15.24
N GLY A 70 22.36 3.38 13.97
CA GLY A 70 22.99 2.12 13.58
C GLY A 70 24.48 2.17 13.80
N GLU A 71 25.09 3.33 13.57
CA GLU A 71 26.53 3.49 13.74
C GLU A 71 26.93 3.17 15.18
N LYS A 72 27.65 2.07 15.35
CA LYS A 72 28.10 1.65 16.68
C LYS A 72 29.16 2.61 17.24
N PRO A 73 29.22 2.81 18.53
CA PRO A 73 30.22 3.74 19.15
C PRO A 73 31.66 3.24 18.98
N TYR A 74 31.83 1.94 18.75
CA TYR A 74 33.16 1.35 18.58
C TYR A 74 33.06 -0.01 17.90
N MET A 11 -23.05 -9.69 -5.53
CA MET A 11 -23.09 -9.38 -4.07
C MET A 11 -22.82 -7.90 -3.87
N THR A 12 -21.67 -7.43 -4.35
CA THR A 12 -21.30 -6.02 -4.22
C THR A 12 -22.09 -5.18 -5.22
N HIS A 13 -22.55 -4.02 -4.78
CA HIS A 13 -23.33 -3.12 -5.65
C HIS A 13 -23.19 -1.66 -5.19
N SER A 14 -24.29 -0.98 -4.99
CA SER A 14 -24.28 0.43 -4.57
C SER A 14 -23.51 1.29 -5.55
N ASP A 15 -23.84 2.57 -5.61
CA ASP A 15 -23.17 3.48 -6.53
C ASP A 15 -21.79 3.88 -6.00
N LYS A 16 -21.11 2.93 -5.36
CA LYS A 16 -19.77 3.14 -4.81
C LYS A 16 -18.85 1.98 -5.21
N PRO A 17 -18.64 1.76 -6.47
CA PRO A 17 -17.77 0.64 -6.95
C PRO A 17 -16.28 0.93 -6.72
N TYR A 18 -15.96 2.18 -6.42
CA TYR A 18 -14.57 2.58 -6.19
C TYR A 18 -14.30 2.80 -4.71
N LYS A 19 -13.53 1.91 -4.11
CA LYS A 19 -13.21 2.02 -2.68
C LYS A 19 -11.77 1.59 -2.43
N CYS A 20 -11.16 2.13 -1.38
CA CYS A 20 -9.78 1.80 -1.07
C CYS A 20 -9.67 0.42 -0.44
N ASP A 21 -9.09 -0.52 -1.18
CA ASP A 21 -8.92 -1.88 -0.68
C ASP A 21 -8.05 -1.88 0.57
N ARG A 22 -7.09 -0.96 0.63
CA ARG A 22 -6.20 -0.86 1.77
C ARG A 22 -6.97 -0.40 3.01
N CYS A 23 -7.83 0.61 2.84
CA CYS A 23 -8.63 1.15 3.94
C CYS A 23 -10.10 0.76 3.75
N GLN A 24 -11.02 1.67 4.08
CA GLN A 24 -12.46 1.41 3.96
C GLN A 24 -13.18 2.57 3.28
N ALA A 25 -12.59 3.77 3.29
CA ALA A 25 -13.19 4.95 2.68
C ALA A 25 -13.71 4.65 1.28
N SER A 26 -15.00 4.40 1.17
CA SER A 26 -15.63 4.11 -0.13
C SER A 26 -15.73 5.37 -0.97
N PHE A 27 -15.50 5.25 -2.28
CA PHE A 27 -15.58 6.41 -3.20
C PHE A 27 -16.47 6.11 -4.41
N ARG A 28 -17.15 7.15 -4.90
CA ARG A 28 -18.05 7.03 -6.05
C ARG A 28 -17.33 7.44 -7.35
N TYR A 29 -16.07 7.83 -7.24
CA TYR A 29 -15.27 8.24 -8.41
C TYR A 29 -13.92 7.52 -8.44
N LYS A 30 -13.53 7.07 -9.63
CA LYS A 30 -12.26 6.38 -9.79
C LYS A 30 -11.08 7.32 -9.56
N GLY A 31 -11.24 8.58 -9.92
CA GLY A 31 -10.18 9.57 -9.74
C GLY A 31 -9.93 9.81 -8.26
N ASN A 32 -11.00 9.78 -7.48
CA ASN A 32 -10.89 9.99 -6.04
C ASN A 32 -10.09 8.85 -5.42
N LEU A 33 -10.33 7.63 -5.90
CA LEU A 33 -9.64 6.46 -5.40
C LEU A 33 -8.14 6.59 -5.69
N ALA A 34 -7.83 6.99 -6.92
CA ALA A 34 -6.44 7.16 -7.33
C ALA A 34 -5.79 8.27 -6.51
N SER A 35 -6.56 9.32 -6.25
CA SER A 35 -6.06 10.44 -5.46
C SER A 35 -5.71 9.96 -4.06
N HIS A 36 -6.57 9.13 -3.50
CA HIS A 36 -6.35 8.58 -2.16
C HIS A 36 -5.14 7.65 -2.14
N LYS A 37 -4.93 6.93 -3.24
CA LYS A 37 -3.81 5.99 -3.34
C LYS A 37 -2.48 6.72 -3.19
N THR A 38 -2.40 7.97 -3.65
CA THR A 38 -1.17 8.75 -3.57
C THR A 38 -0.62 8.74 -2.15
N VAL A 39 -1.52 8.67 -1.16
CA VAL A 39 -1.15 8.67 0.24
C VAL A 39 -0.29 7.47 0.62
N HIS A 40 -0.67 6.28 0.18
CA HIS A 40 0.06 5.05 0.49
C HIS A 40 1.45 5.05 -0.14
N THR A 41 1.61 5.62 -1.33
CA THR A 41 2.89 5.64 -2.00
C THR A 41 3.96 6.29 -1.12
N GLY A 42 5.09 5.61 -0.97
CA GLY A 42 6.19 6.12 -0.16
C GLY A 42 7.22 5.01 0.11
N GLU A 43 7.18 4.48 1.33
CA GLU A 43 8.11 3.42 1.72
C GLU A 43 9.56 3.84 1.46
N LYS A 44 10.29 4.13 2.54
CA LYS A 44 11.70 4.53 2.40
C LYS A 44 12.44 4.30 3.73
N PRO A 45 12.69 3.07 4.08
CA PRO A 45 13.42 2.72 5.34
C PRO A 45 14.76 3.45 5.49
N TYR A 46 15.55 3.48 4.43
CA TYR A 46 16.86 4.16 4.46
C TYR A 46 17.14 4.89 3.15
N ARG A 47 17.89 5.98 3.26
CA ARG A 47 18.24 6.80 2.09
C ARG A 47 19.69 7.25 2.20
N CYS A 48 20.42 7.18 1.08
CA CYS A 48 21.83 7.57 1.06
C CYS A 48 21.97 9.10 1.05
N ASN A 49 22.52 9.64 2.13
CA ASN A 49 22.72 11.08 2.26
C ASN A 49 23.69 11.60 1.19
N ILE A 50 24.69 10.79 0.88
CA ILE A 50 25.73 11.16 -0.11
C ILE A 50 25.11 11.37 -1.49
N CYS A 51 24.20 10.48 -1.89
CA CYS A 51 23.54 10.57 -3.20
C CYS A 51 22.04 10.85 -3.03
N GLY A 52 21.30 9.85 -2.55
CA GLY A 52 19.85 9.99 -2.34
C GLY A 52 19.09 8.72 -2.72
N ALA A 53 19.80 7.61 -2.93
CA ALA A 53 19.17 6.36 -3.32
C ALA A 53 18.36 5.77 -2.17
N GLN A 54 17.19 5.22 -2.50
CA GLN A 54 16.31 4.62 -1.50
C GLN A 54 16.58 3.12 -1.40
N PHE A 55 16.50 2.59 -0.18
CA PHE A 55 16.75 1.15 0.04
C PHE A 55 15.66 0.50 0.90
N ASN A 56 15.26 -0.70 0.51
CA ASN A 56 14.23 -1.45 1.25
C ASN A 56 14.88 -2.32 2.32
N ARG A 57 16.19 -2.48 2.23
CA ARG A 57 16.93 -3.31 3.21
C ARG A 57 18.31 -2.70 3.50
N PRO A 58 18.82 -2.81 4.70
CA PRO A 58 20.16 -2.24 5.04
C PRO A 58 21.30 -2.97 4.33
N ALA A 59 21.09 -4.25 4.03
CA ALA A 59 22.10 -5.05 3.36
C ALA A 59 22.42 -4.46 2.00
N ASN A 60 21.40 -3.99 1.29
CA ASN A 60 21.57 -3.39 -0.02
C ASN A 60 22.40 -2.12 0.11
N LEU A 61 22.17 -1.35 1.17
CA LEU A 61 22.91 -0.11 1.38
C LEU A 61 24.39 -0.43 1.54
N LYS A 62 24.69 -1.48 2.30
CA LYS A 62 26.06 -1.90 2.53
C LYS A 62 26.76 -2.08 1.20
N THR A 63 26.03 -2.65 0.23
CA THR A 63 26.56 -2.88 -1.10
C THR A 63 26.82 -1.53 -1.79
N HIS A 64 25.97 -0.56 -1.51
CA HIS A 64 26.11 0.78 -2.07
C HIS A 64 27.25 1.51 -1.41
N THR A 65 27.34 1.38 -0.08
CA THR A 65 28.42 2.04 0.66
C THR A 65 29.77 1.61 0.09
N ARG A 66 29.84 0.36 -0.37
CA ARG A 66 31.07 -0.17 -0.94
C ARG A 66 31.51 0.68 -2.13
N ILE A 67 30.54 1.22 -2.87
CA ILE A 67 30.85 2.05 -4.03
C ILE A 67 31.59 3.31 -3.59
N HIS A 68 31.16 3.91 -2.49
CA HIS A 68 31.81 5.12 -1.98
C HIS A 68 33.22 4.81 -1.49
N SER A 69 33.39 3.63 -0.89
CA SER A 69 34.70 3.22 -0.39
C SER A 69 35.68 3.07 -1.54
N GLY A 70 36.96 3.28 -1.27
CA GLY A 70 37.99 3.16 -2.29
C GLY A 70 38.07 1.74 -2.82
N GLU A 71 37.85 0.77 -1.94
CA GLU A 71 37.90 -0.64 -2.33
C GLU A 71 39.27 -0.99 -2.90
N LYS A 72 39.59 -2.28 -2.88
CA LYS A 72 40.89 -2.77 -3.40
C LYS A 72 40.66 -3.87 -4.44
N PRO A 73 40.20 -3.52 -5.61
CA PRO A 73 39.95 -4.52 -6.69
C PRO A 73 41.24 -5.03 -7.34
N TYR A 74 41.17 -6.23 -7.90
CA TYR A 74 42.32 -6.85 -8.55
C TYR A 74 42.87 -5.94 -9.65
N MET A 11 -27.15 -2.38 -10.72
CA MET A 11 -26.75 -3.76 -10.30
C MET A 11 -25.56 -3.67 -9.37
N THR A 12 -25.11 -2.45 -9.08
CA THR A 12 -23.96 -2.24 -8.20
C THR A 12 -24.34 -2.60 -6.76
N HIS A 13 -23.42 -3.25 -6.06
CA HIS A 13 -23.65 -3.65 -4.68
C HIS A 13 -23.78 -2.43 -3.77
N SER A 14 -23.01 -1.39 -4.03
CA SER A 14 -23.04 -0.16 -3.23
C SER A 14 -22.84 1.07 -4.11
N ASP A 15 -23.42 2.19 -3.71
CA ASP A 15 -23.29 3.43 -4.47
C ASP A 15 -21.84 3.85 -4.60
N LYS A 16 -20.94 3.18 -3.89
CA LYS A 16 -19.49 3.47 -3.93
C LYS A 16 -18.75 2.28 -4.56
N PRO A 17 -18.72 2.18 -5.86
CA PRO A 17 -18.00 1.07 -6.54
C PRO A 17 -16.47 1.25 -6.50
N TYR A 18 -16.03 2.45 -6.16
CA TYR A 18 -14.59 2.75 -6.10
C TYR A 18 -14.14 3.03 -4.68
N LYS A 19 -13.49 2.05 -4.06
CA LYS A 19 -13.00 2.20 -2.69
C LYS A 19 -11.64 1.54 -2.56
N CYS A 20 -10.83 2.04 -1.63
CA CYS A 20 -9.49 1.50 -1.42
C CYS A 20 -9.53 0.23 -0.58
N ASP A 21 -9.31 -0.91 -1.21
CA ASP A 21 -9.31 -2.18 -0.51
C ASP A 21 -8.18 -2.22 0.52
N ARG A 22 -7.11 -1.47 0.24
CA ARG A 22 -5.95 -1.42 1.14
C ARG A 22 -6.33 -0.69 2.45
N CYS A 23 -7.42 0.07 2.40
CA CYS A 23 -7.88 0.83 3.56
C CYS A 23 -9.39 0.69 3.71
N GLN A 24 -9.98 1.44 4.64
CA GLN A 24 -11.43 1.38 4.87
C GLN A 24 -12.17 2.50 4.14
N ALA A 25 -11.43 3.52 3.69
CA ALA A 25 -12.03 4.65 2.98
C ALA A 25 -12.77 4.19 1.74
N SER A 26 -13.80 4.95 1.35
CA SER A 26 -14.62 4.64 0.17
C SER A 26 -14.80 5.88 -0.70
N PHE A 27 -14.99 5.66 -2.00
CA PHE A 27 -15.19 6.78 -2.95
C PHE A 27 -16.19 6.43 -4.04
N ARG A 28 -16.88 7.44 -4.55
CA ARG A 28 -17.88 7.24 -5.62
C ARG A 28 -17.23 7.39 -7.00
N TYR A 29 -16.06 8.01 -7.06
CA TYR A 29 -15.34 8.25 -8.32
C TYR A 29 -14.05 7.43 -8.39
N LYS A 30 -13.70 7.00 -9.59
CA LYS A 30 -12.50 6.20 -9.81
C LYS A 30 -11.24 7.06 -9.65
N GLY A 31 -11.31 8.32 -10.06
CA GLY A 31 -10.17 9.22 -9.97
C GLY A 31 -9.87 9.53 -8.51
N ASN A 32 -10.92 9.63 -7.71
CA ASN A 32 -10.78 9.91 -6.29
C ASN A 32 -10.00 8.79 -5.63
N LEU A 33 -10.28 7.56 -6.05
CA LEU A 33 -9.62 6.40 -5.49
C LEU A 33 -8.11 6.51 -5.74
N ALA A 34 -7.75 6.88 -6.96
CA ALA A 34 -6.34 7.04 -7.32
C ALA A 34 -5.75 8.21 -6.57
N SER A 35 -6.55 9.26 -6.40
CA SER A 35 -6.10 10.45 -5.68
C SER A 35 -5.74 10.07 -4.25
N HIS A 36 -6.55 9.20 -3.65
CA HIS A 36 -6.32 8.75 -2.29
C HIS A 36 -5.05 7.90 -2.22
N LYS A 37 -4.84 7.04 -3.20
CA LYS A 37 -3.67 6.17 -3.22
C LYS A 37 -2.38 6.98 -3.11
N THR A 38 -2.44 8.25 -3.47
CA THR A 38 -1.25 9.11 -3.41
C THR A 38 -0.67 9.14 -2.00
N VAL A 39 -1.53 9.02 -1.00
CA VAL A 39 -1.13 9.06 0.40
C VAL A 39 -0.16 7.92 0.76
N HIS A 40 -0.46 6.71 0.30
CA HIS A 40 0.39 5.53 0.59
C HIS A 40 0.77 4.78 -0.67
N THR A 41 0.94 5.48 -1.78
CA THR A 41 1.30 4.85 -3.05
C THR A 41 2.64 4.12 -2.94
N GLY A 42 3.61 4.76 -2.29
CA GLY A 42 4.93 4.17 -2.12
C GLY A 42 5.98 5.26 -1.88
N GLU A 43 5.88 5.92 -0.73
CA GLU A 43 6.82 6.99 -0.37
C GLU A 43 8.13 6.43 0.15
N LYS A 44 8.16 5.14 0.45
CA LYS A 44 9.39 4.51 0.93
C LYS A 44 9.28 2.97 0.91
N PRO A 45 10.24 2.28 0.36
CA PRO A 45 10.19 0.77 0.30
C PRO A 45 10.48 0.10 1.65
N TYR A 46 11.72 -0.33 1.84
CA TYR A 46 12.11 -1.01 3.09
C TYR A 46 13.48 -0.53 3.55
N ARG A 47 13.71 -0.59 4.87
CA ARG A 47 14.98 -0.18 5.46
C ARG A 47 15.40 -1.16 6.55
N CYS A 48 16.68 -1.50 6.61
CA CYS A 48 17.18 -2.43 7.61
C CYS A 48 17.28 -1.78 8.99
N ASN A 49 16.53 -2.32 9.94
CA ASN A 49 16.52 -1.79 11.31
C ASN A 49 17.85 -2.08 12.02
N ILE A 50 18.52 -3.14 11.58
CA ILE A 50 19.78 -3.56 12.18
C ILE A 50 20.86 -2.49 11.99
N CYS A 51 20.95 -1.92 10.80
CA CYS A 51 21.95 -0.88 10.50
C CYS A 51 21.26 0.39 10.01
N GLY A 52 20.55 0.30 8.89
CA GLY A 52 19.85 1.46 8.32
C GLY A 52 19.86 1.45 6.80
N ALA A 53 20.36 0.38 6.19
CA ALA A 53 20.43 0.27 4.73
C ALA A 53 19.05 0.32 4.10
N GLN A 54 18.94 1.05 3.00
CA GLN A 54 17.67 1.18 2.27
C GLN A 54 17.65 0.25 1.06
N PHE A 55 16.50 -0.35 0.77
CA PHE A 55 16.37 -1.28 -0.37
C PHE A 55 15.14 -0.96 -1.22
N ASN A 56 15.27 -1.20 -2.51
CA ASN A 56 14.15 -0.95 -3.44
C ASN A 56 13.34 -2.23 -3.63
N ARG A 57 13.86 -3.34 -3.12
CA ARG A 57 13.17 -4.64 -3.23
C ARG A 57 13.39 -5.48 -1.96
N PRO A 58 12.42 -6.25 -1.54
CA PRO A 58 12.56 -7.10 -0.31
C PRO A 58 13.57 -8.23 -0.52
N ALA A 59 13.71 -8.68 -1.76
CA ALA A 59 14.64 -9.76 -2.07
C ALA A 59 16.04 -9.38 -1.65
N ASN A 60 16.45 -8.16 -1.98
CA ASN A 60 17.76 -7.67 -1.62
C ASN A 60 17.89 -7.59 -0.11
N LEU A 61 16.81 -7.24 0.58
CA LEU A 61 16.83 -7.14 2.03
C LEU A 61 17.15 -8.51 2.63
N LYS A 62 16.49 -9.53 2.11
CA LYS A 62 16.70 -10.90 2.58
C LYS A 62 18.15 -11.30 2.33
N THR A 63 18.66 -10.92 1.17
CA THR A 63 20.02 -11.23 0.82
C THR A 63 20.99 -10.45 1.71
N HIS A 64 20.51 -9.30 2.19
CA HIS A 64 21.31 -8.45 3.07
C HIS A 64 21.24 -8.99 4.50
N THR A 65 20.05 -9.46 4.88
CA THR A 65 19.86 -9.99 6.23
C THR A 65 20.82 -11.15 6.45
N ARG A 66 21.16 -11.84 5.37
CA ARG A 66 22.09 -12.96 5.45
C ARG A 66 23.44 -12.49 5.99
N ILE A 67 23.84 -11.28 5.64
CA ILE A 67 25.12 -10.74 6.10
C ILE A 67 25.11 -10.61 7.62
N HIS A 68 24.01 -10.15 8.19
CA HIS A 68 23.90 -10.03 9.64
C HIS A 68 23.91 -11.40 10.31
N SER A 69 24.51 -12.38 9.63
CA SER A 69 24.59 -13.73 10.17
C SER A 69 25.35 -13.73 11.50
N GLY A 70 26.46 -13.01 11.56
CA GLY A 70 27.25 -12.93 12.78
C GLY A 70 28.10 -14.18 12.98
N GLU A 71 27.65 -15.05 13.86
CA GLU A 71 28.36 -16.29 14.15
C GLU A 71 28.45 -17.16 12.90
N LYS A 72 29.67 -17.55 12.54
CA LYS A 72 29.90 -18.37 11.36
C LYS A 72 31.36 -18.87 11.34
N PRO A 73 31.82 -19.50 12.39
CA PRO A 73 33.21 -20.01 12.49
C PRO A 73 33.49 -21.12 11.47
N TYR A 74 32.44 -21.72 10.92
CA TYR A 74 32.59 -22.79 9.95
C TYR A 74 33.30 -22.27 8.69
N MET A 11 -29.48 -4.37 -7.41
CA MET A 11 -29.11 -4.52 -5.98
C MET A 11 -28.99 -3.13 -5.35
N THR A 12 -29.48 -3.00 -4.11
CA THR A 12 -29.42 -1.72 -3.41
C THR A 12 -28.02 -1.49 -2.85
N HIS A 13 -27.73 -0.24 -2.46
CA HIS A 13 -26.43 0.11 -1.90
C HIS A 13 -25.30 -0.44 -2.79
N SER A 14 -24.93 0.33 -3.80
CA SER A 14 -23.87 -0.09 -4.71
C SER A 14 -23.37 1.07 -5.57
N ASP A 15 -23.73 2.30 -5.21
CA ASP A 15 -23.30 3.48 -5.97
C ASP A 15 -21.90 3.91 -5.55
N LYS A 16 -21.20 3.08 -4.80
CA LYS A 16 -19.83 3.34 -4.34
C LYS A 16 -18.92 2.14 -4.64
N PRO A 17 -18.74 1.80 -5.88
CA PRO A 17 -17.88 0.65 -6.26
C PRO A 17 -16.38 0.95 -6.10
N TYR A 18 -16.05 2.23 -6.00
CA TYR A 18 -14.65 2.64 -5.85
C TYR A 18 -14.31 2.88 -4.39
N LYS A 19 -13.54 1.96 -3.81
CA LYS A 19 -13.15 2.08 -2.41
C LYS A 19 -11.70 1.65 -2.25
N CYS A 20 -11.02 2.19 -1.23
CA CYS A 20 -9.63 1.85 -1.00
C CYS A 20 -9.51 0.54 -0.23
N ASP A 21 -9.22 -0.54 -0.96
CA ASP A 21 -9.06 -1.85 -0.35
C ASP A 21 -7.96 -1.80 0.71
N ARG A 22 -6.96 -0.95 0.49
CA ARG A 22 -5.84 -0.82 1.44
C ARG A 22 -6.32 -0.16 2.73
N CYS A 23 -7.45 0.52 2.66
CA CYS A 23 -8.03 1.21 3.83
C CYS A 23 -9.52 0.91 3.92
N GLN A 24 -10.25 1.71 4.70
CA GLN A 24 -11.69 1.52 4.89
C GLN A 24 -12.49 2.63 4.21
N ALA A 25 -11.81 3.62 3.63
CA ALA A 25 -12.48 4.73 2.97
C ALA A 25 -13.19 4.27 1.71
N SER A 26 -14.33 4.89 1.42
CA SER A 26 -15.13 4.56 0.22
C SER A 26 -15.25 5.78 -0.71
N PHE A 27 -15.20 5.53 -2.01
CA PHE A 27 -15.30 6.61 -3.02
C PHE A 27 -16.29 6.25 -4.13
N ARG A 28 -16.91 7.29 -4.70
CA ARG A 28 -17.88 7.12 -5.78
C ARG A 28 -17.22 7.30 -7.15
N TYR A 29 -16.06 7.95 -7.18
CA TYR A 29 -15.33 8.21 -8.43
C TYR A 29 -14.00 7.47 -8.46
N LYS A 30 -13.60 7.02 -9.64
CA LYS A 30 -12.34 6.29 -9.81
C LYS A 30 -11.15 7.20 -9.55
N GLY A 31 -11.24 8.46 -9.99
CA GLY A 31 -10.16 9.41 -9.79
C GLY A 31 -9.92 9.65 -8.32
N ASN A 32 -11.01 9.68 -7.55
CA ASN A 32 -10.92 9.90 -6.12
C ASN A 32 -10.13 8.76 -5.49
N LEU A 33 -10.36 7.55 -5.97
CA LEU A 33 -9.67 6.37 -5.45
C LEU A 33 -8.19 6.49 -5.72
N ALA A 34 -7.85 6.90 -6.94
CA ALA A 34 -6.46 7.07 -7.34
C ALA A 34 -5.84 8.23 -6.57
N SER A 35 -6.64 9.26 -6.34
CA SER A 35 -6.18 10.43 -5.60
C SER A 35 -5.71 10.00 -4.22
N HIS A 36 -6.47 9.11 -3.59
CA HIS A 36 -6.12 8.60 -2.26
C HIS A 36 -4.85 7.77 -2.32
N LYS A 37 -4.65 7.03 -3.41
CA LYS A 37 -3.47 6.18 -3.56
C LYS A 37 -2.19 6.97 -3.29
N THR A 38 -2.22 8.28 -3.50
CA THR A 38 -1.04 9.12 -3.28
C THR A 38 -0.41 8.83 -1.92
N VAL A 39 -1.25 8.56 -0.93
CA VAL A 39 -0.83 8.27 0.43
C VAL A 39 0.06 7.03 0.52
N HIS A 40 -0.31 5.96 -0.19
CA HIS A 40 0.45 4.71 -0.17
C HIS A 40 1.73 4.81 -0.98
N THR A 41 2.19 6.02 -1.28
CA THR A 41 3.42 6.20 -2.05
C THR A 41 4.63 5.61 -1.34
N GLY A 42 4.68 5.74 -0.02
CA GLY A 42 5.78 5.23 0.77
C GLY A 42 5.75 3.70 0.83
N GLU A 43 6.76 3.12 1.47
CA GLU A 43 6.86 1.67 1.60
C GLU A 43 7.81 1.28 2.71
N LYS A 44 8.34 2.27 3.44
CA LYS A 44 9.28 2.01 4.52
C LYS A 44 10.54 1.29 4.00
N PRO A 45 11.27 1.92 3.12
CA PRO A 45 12.52 1.32 2.54
C PRO A 45 13.71 1.32 3.50
N TYR A 46 14.59 2.30 3.38
CA TYR A 46 15.79 2.39 4.25
C TYR A 46 15.67 3.57 5.21
N ARG A 47 16.11 3.35 6.44
CA ARG A 47 16.08 4.40 7.48
C ARG A 47 17.38 4.37 8.28
N CYS A 48 18.05 5.51 8.34
CA CYS A 48 19.32 5.61 9.05
C CYS A 48 19.09 5.60 10.57
N ASN A 49 19.51 4.51 11.21
CA ASN A 49 19.35 4.37 12.66
C ASN A 49 20.34 5.27 13.41
N ILE A 50 21.45 5.61 12.75
CA ILE A 50 22.48 6.46 13.35
C ILE A 50 21.95 7.84 13.67
N CYS A 51 21.26 8.47 12.72
CA CYS A 51 20.69 9.82 12.90
C CYS A 51 19.16 9.78 12.85
N GLY A 52 18.62 9.27 11.74
CA GLY A 52 17.16 9.16 11.59
C GLY A 52 16.72 9.43 10.15
N ALA A 53 17.65 9.77 9.27
CA ALA A 53 17.33 10.06 7.87
C ALA A 53 16.58 8.90 7.22
N GLN A 54 16.14 9.13 5.99
CA GLN A 54 15.40 8.13 5.22
C GLN A 54 15.88 8.10 3.77
N PHE A 55 15.88 6.92 3.17
CA PHE A 55 16.35 6.77 1.78
C PHE A 55 15.65 5.62 1.07
N ASN A 56 15.53 5.73 -0.24
CA ASN A 56 14.89 4.69 -1.06
C ASN A 56 15.95 3.78 -1.68
N ARG A 57 17.22 4.05 -1.37
CA ARG A 57 18.35 3.25 -1.90
C ARG A 57 19.42 3.03 -0.83
N PRO A 58 20.00 1.86 -0.74
CA PRO A 58 21.06 1.58 0.28
C PRO A 58 22.38 2.29 -0.04
N ALA A 59 22.68 2.42 -1.33
CA ALA A 59 23.91 3.07 -1.76
C ALA A 59 23.94 4.50 -1.25
N ASN A 60 22.83 5.22 -1.40
CA ASN A 60 22.74 6.59 -0.95
C ASN A 60 22.90 6.66 0.56
N LEU A 61 22.54 5.58 1.26
CA LEU A 61 22.64 5.54 2.72
C LEU A 61 24.11 5.71 3.12
N LYS A 62 24.99 4.95 2.48
CA LYS A 62 26.42 5.02 2.75
C LYS A 62 26.93 6.39 2.37
N THR A 63 26.49 6.88 1.21
CA THR A 63 26.89 8.18 0.72
C THR A 63 26.39 9.26 1.67
N HIS A 64 25.22 9.03 2.26
CA HIS A 64 24.64 9.98 3.21
C HIS A 64 25.43 9.92 4.52
N THR A 65 25.63 8.71 5.02
CA THR A 65 26.38 8.53 6.28
C THR A 65 27.67 9.33 6.23
N ARG A 66 28.07 9.70 5.02
CA ARG A 66 29.29 10.46 4.81
C ARG A 66 29.26 11.74 5.64
N ILE A 67 28.08 12.32 5.81
CA ILE A 67 27.95 13.55 6.57
C ILE A 67 28.35 13.33 8.04
N HIS A 68 27.81 12.29 8.65
CA HIS A 68 28.10 11.94 10.05
C HIS A 68 28.89 10.63 10.12
N SER A 69 29.72 10.38 9.12
CA SER A 69 30.52 9.16 9.06
C SER A 69 31.16 8.87 10.41
N GLY A 70 31.69 9.92 11.03
CA GLY A 70 32.34 9.79 12.34
C GLY A 70 33.48 10.80 12.49
N GLU A 71 33.89 11.39 11.38
CA GLU A 71 34.97 12.38 11.38
C GLU A 71 34.92 13.25 10.12
N LYS A 72 35.38 14.48 10.24
CA LYS A 72 35.39 15.42 9.12
C LYS A 72 36.21 16.66 9.48
N PRO A 73 37.41 16.49 9.97
CA PRO A 73 38.30 17.63 10.35
C PRO A 73 38.68 18.52 9.16
N TYR A 74 38.87 19.81 9.43
CA TYR A 74 39.24 20.75 8.38
C TYR A 74 38.25 20.71 7.23
N MET A 11 -26.78 -2.76 -3.87
CA MET A 11 -27.16 -1.58 -3.03
C MET A 11 -26.02 -1.28 -2.07
N THR A 12 -26.14 -0.19 -1.32
CA THR A 12 -25.12 0.20 -0.35
C THR A 12 -23.78 0.41 -1.05
N HIS A 13 -23.10 -0.67 -1.39
CA HIS A 13 -21.81 -0.60 -2.06
C HIS A 13 -21.97 -0.19 -3.52
N SER A 14 -23.20 -0.26 -4.01
CA SER A 14 -23.49 0.09 -5.40
C SER A 14 -23.16 1.56 -5.69
N ASP A 15 -23.54 2.48 -4.80
CA ASP A 15 -23.26 3.90 -5.01
C ASP A 15 -21.81 4.22 -4.74
N LYS A 16 -21.03 3.24 -4.26
CA LYS A 16 -19.61 3.39 -3.97
C LYS A 16 -18.83 2.21 -4.57
N PRO A 17 -18.74 2.13 -5.87
CA PRO A 17 -17.99 1.03 -6.56
C PRO A 17 -16.48 1.24 -6.51
N TYR A 18 -16.07 2.43 -6.11
CA TYR A 18 -14.63 2.76 -6.04
C TYR A 18 -14.21 3.05 -4.61
N LYS A 19 -13.51 2.09 -4.00
CA LYS A 19 -13.04 2.24 -2.62
C LYS A 19 -11.66 1.63 -2.48
N CYS A 20 -10.89 2.13 -1.52
CA CYS A 20 -9.54 1.63 -1.31
C CYS A 20 -9.55 0.29 -0.58
N ASP A 21 -9.17 -0.77 -1.29
CA ASP A 21 -9.12 -2.10 -0.71
C ASP A 21 -8.06 -2.17 0.37
N ARG A 22 -6.99 -1.40 0.22
CA ARG A 22 -5.90 -1.37 1.19
C ARG A 22 -6.38 -0.73 2.50
N CYS A 23 -7.14 0.35 2.39
CA CYS A 23 -7.68 1.06 3.56
C CYS A 23 -9.17 0.80 3.70
N GLN A 24 -9.82 1.52 4.60
CA GLN A 24 -11.26 1.35 4.85
C GLN A 24 -12.08 2.43 4.14
N ALA A 25 -11.45 3.54 3.78
CA ALA A 25 -12.13 4.65 3.11
C ALA A 25 -12.88 4.17 1.87
N SER A 26 -13.84 4.96 1.41
CA SER A 26 -14.63 4.63 0.22
C SER A 26 -14.87 5.86 -0.64
N PHE A 27 -14.92 5.67 -1.95
CA PHE A 27 -15.13 6.78 -2.91
C PHE A 27 -16.19 6.44 -3.94
N ARG A 28 -16.84 7.48 -4.47
CA ARG A 28 -17.90 7.32 -5.47
C ARG A 28 -17.33 7.50 -6.88
N TYR A 29 -16.05 7.84 -6.98
CA TYR A 29 -15.40 8.06 -8.28
C TYR A 29 -14.06 7.31 -8.36
N LYS A 30 -13.73 6.85 -9.55
CA LYS A 30 -12.47 6.13 -9.76
C LYS A 30 -11.27 7.06 -9.66
N GLY A 31 -11.41 8.30 -10.11
CA GLY A 31 -10.33 9.28 -10.05
C GLY A 31 -9.98 9.60 -8.62
N ASN A 32 -11.01 9.67 -7.77
CA ASN A 32 -10.82 9.96 -6.37
C ASN A 32 -10.01 8.84 -5.73
N LEU A 33 -10.28 7.61 -6.13
CA LEU A 33 -9.58 6.46 -5.60
C LEU A 33 -8.10 6.57 -5.93
N ALA A 34 -7.80 6.96 -7.17
CA ALA A 34 -6.42 7.11 -7.61
C ALA A 34 -5.79 8.28 -6.88
N SER A 35 -6.58 9.33 -6.65
CA SER A 35 -6.09 10.50 -5.94
C SER A 35 -5.66 10.10 -4.54
N HIS A 36 -6.45 9.22 -3.91
CA HIS A 36 -6.15 8.75 -2.56
C HIS A 36 -4.86 7.93 -2.53
N LYS A 37 -4.61 7.17 -3.59
CA LYS A 37 -3.40 6.33 -3.67
C LYS A 37 -2.17 7.08 -3.14
N THR A 38 -2.19 8.41 -3.22
CA THR A 38 -1.07 9.22 -2.78
C THR A 38 -0.73 8.94 -1.33
N VAL A 39 -1.77 8.69 -0.52
CA VAL A 39 -1.63 8.42 0.89
C VAL A 39 -0.76 7.19 1.15
N HIS A 40 -0.65 6.28 0.19
CA HIS A 40 0.13 5.06 0.36
C HIS A 40 1.64 5.35 0.35
N THR A 41 2.04 6.53 -0.09
CA THR A 41 3.45 6.91 -0.13
C THR A 41 4.27 5.92 -0.97
N GLY A 42 4.80 6.41 -2.08
CA GLY A 42 5.60 5.58 -2.97
C GLY A 42 5.85 6.28 -4.29
N GLU A 43 4.97 7.23 -4.63
CA GLU A 43 5.09 7.99 -5.87
C GLU A 43 5.15 7.06 -7.08
N LYS A 44 4.62 5.84 -6.94
CA LYS A 44 4.64 4.89 -8.05
C LYS A 44 3.79 5.40 -9.23
N PRO A 45 4.07 4.97 -10.42
CA PRO A 45 3.31 5.40 -11.64
C PRO A 45 1.86 4.90 -11.66
N TYR A 46 1.64 3.74 -12.30
CA TYR A 46 0.29 3.16 -12.40
C TYR A 46 0.30 1.67 -12.07
N ARG A 47 -0.78 1.20 -11.46
CA ARG A 47 -0.92 -0.20 -11.08
C ARG A 47 -2.34 -0.69 -11.37
N CYS A 48 -2.46 -1.92 -11.87
CA CYS A 48 -3.77 -2.48 -12.20
C CYS A 48 -4.49 -2.97 -10.93
N ASN A 49 -5.60 -2.33 -10.60
CA ASN A 49 -6.39 -2.69 -9.43
C ASN A 49 -7.00 -4.09 -9.59
N ILE A 50 -7.36 -4.44 -10.83
CA ILE A 50 -7.97 -5.73 -11.14
C ILE A 50 -7.02 -6.89 -10.81
N CYS A 51 -5.75 -6.73 -11.17
CA CYS A 51 -4.73 -7.78 -10.91
C CYS A 51 -3.67 -7.26 -9.94
N GLY A 52 -2.83 -6.33 -10.40
CA GLY A 52 -1.78 -5.76 -9.56
C GLY A 52 -0.50 -5.49 -10.36
N ALA A 53 -0.57 -5.54 -11.68
CA ALA A 53 0.60 -5.31 -12.53
C ALA A 53 1.03 -3.84 -12.49
N GLN A 54 2.34 -3.63 -12.41
CA GLN A 54 2.91 -2.28 -12.39
C GLN A 54 3.26 -1.82 -13.79
N PHE A 55 3.08 -0.53 -14.07
CA PHE A 55 3.38 0.02 -15.41
C PHE A 55 4.15 1.33 -15.32
N ASN A 56 5.12 1.50 -16.22
CA ASN A 56 5.93 2.72 -16.25
C ASN A 56 5.30 3.74 -17.20
N ARG A 57 4.14 3.39 -17.75
CA ARG A 57 3.44 4.29 -18.67
C ARG A 57 1.99 3.81 -18.91
N PRO A 58 1.06 4.69 -19.11
CA PRO A 58 -0.37 4.29 -19.35
C PRO A 58 -0.54 3.54 -20.67
N ALA A 59 0.33 3.80 -21.63
CA ALA A 59 0.27 3.14 -22.93
C ALA A 59 0.31 1.63 -22.74
N ASN A 60 1.24 1.16 -21.92
CA ASN A 60 1.36 -0.26 -21.66
C ASN A 60 0.13 -0.77 -20.94
N LEU A 61 -0.41 0.02 -20.01
CA LEU A 61 -1.59 -0.37 -19.26
C LEU A 61 -2.76 -0.52 -20.22
N LYS A 62 -2.98 0.48 -21.07
CA LYS A 62 -4.06 0.47 -22.04
C LYS A 62 -4.11 -0.90 -22.73
N THR A 63 -2.92 -1.39 -23.08
CA THR A 63 -2.80 -2.68 -23.73
C THR A 63 -3.29 -3.77 -22.76
N HIS A 64 -2.99 -3.60 -21.49
CA HIS A 64 -3.41 -4.56 -20.47
C HIS A 64 -4.92 -4.46 -20.25
N THR A 65 -5.42 -3.23 -20.27
CA THR A 65 -6.85 -3.01 -20.09
C THR A 65 -7.62 -3.72 -21.20
N ARG A 66 -7.02 -3.76 -22.38
CA ARG A 66 -7.65 -4.42 -23.52
C ARG A 66 -7.92 -5.89 -23.21
N ILE A 67 -7.03 -6.52 -22.44
CA ILE A 67 -7.19 -7.92 -22.07
C ILE A 67 -8.45 -8.11 -21.22
N HIS A 68 -8.71 -7.18 -20.30
CA HIS A 68 -9.88 -7.26 -19.45
C HIS A 68 -11.16 -7.12 -20.29
N SER A 69 -11.11 -6.23 -21.28
CA SER A 69 -12.27 -6.01 -22.15
C SER A 69 -11.80 -5.52 -23.52
N GLY A 70 -12.54 -5.90 -24.57
CA GLY A 70 -12.19 -5.49 -25.93
C GLY A 70 -12.97 -6.32 -26.94
N GLU A 71 -13.34 -7.52 -26.56
CA GLU A 71 -14.09 -8.41 -27.44
C GLU A 71 -15.45 -7.80 -27.79
N LYS A 72 -16.10 -7.22 -26.79
CA LYS A 72 -17.41 -6.60 -26.99
C LYS A 72 -17.72 -5.64 -25.82
N PRO A 73 -17.08 -4.51 -25.78
CA PRO A 73 -17.28 -3.49 -24.70
C PRO A 73 -18.74 -3.04 -24.57
N TYR A 74 -19.19 -2.81 -23.35
CA TYR A 74 -20.56 -2.38 -23.10
C TYR A 74 -21.55 -3.31 -23.79
N MET A 11 -25.66 -6.97 -4.31
CA MET A 11 -24.63 -6.12 -4.97
C MET A 11 -25.27 -5.35 -6.12
N THR A 12 -26.59 -5.30 -6.13
CA THR A 12 -27.33 -4.59 -7.18
C THR A 12 -27.05 -3.09 -7.11
N HIS A 13 -26.83 -2.57 -5.91
CA HIS A 13 -26.56 -1.15 -5.73
C HIS A 13 -25.16 -0.80 -6.24
N SER A 14 -24.92 0.48 -6.52
CA SER A 14 -23.62 0.93 -7.02
C SER A 14 -23.36 2.39 -6.68
N ASP A 15 -23.78 2.83 -5.50
CA ASP A 15 -23.56 4.22 -5.09
C ASP A 15 -22.08 4.52 -4.93
N LYS A 16 -21.32 3.61 -4.31
CA LYS A 16 -19.87 3.75 -4.09
C LYS A 16 -19.16 2.46 -4.52
N PRO A 17 -18.99 2.25 -5.79
CA PRO A 17 -18.30 1.03 -6.30
C PRO A 17 -16.77 1.13 -6.15
N TYR A 18 -16.28 2.35 -5.96
CA TYR A 18 -14.83 2.57 -5.82
C TYR A 18 -14.46 2.85 -4.37
N LYS A 19 -13.75 1.91 -3.75
CA LYS A 19 -13.32 2.06 -2.36
C LYS A 19 -11.93 1.49 -2.18
N CYS A 20 -11.12 2.16 -1.37
CA CYS A 20 -9.76 1.73 -1.15
C CYS A 20 -9.72 0.41 -0.38
N ASP A 21 -9.27 -0.65 -1.03
CA ASP A 21 -9.18 -1.96 -0.40
C ASP A 21 -8.12 -1.93 0.71
N ARG A 22 -7.08 -1.13 0.52
CA ARG A 22 -6.01 -1.01 1.50
C ARG A 22 -6.52 -0.34 2.78
N CYS A 23 -7.61 0.41 2.65
CA CYS A 23 -8.21 1.12 3.79
C CYS A 23 -9.69 0.76 3.90
N GLN A 24 -10.39 1.41 4.82
CA GLN A 24 -11.82 1.15 5.04
C GLN A 24 -12.69 2.27 4.46
N ALA A 25 -12.06 3.27 3.85
CA ALA A 25 -12.78 4.40 3.26
C ALA A 25 -13.62 3.97 2.05
N SER A 26 -14.28 4.93 1.41
CA SER A 26 -15.11 4.64 0.24
C SER A 26 -15.14 5.85 -0.71
N PHE A 27 -15.42 5.59 -1.99
CA PHE A 27 -15.45 6.68 -2.99
C PHE A 27 -16.41 6.35 -4.13
N ARG A 28 -16.95 7.38 -4.76
CA ARG A 28 -17.88 7.21 -5.87
C ARG A 28 -17.17 7.32 -7.22
N TYR A 29 -15.98 7.92 -7.21
CA TYR A 29 -15.18 8.11 -8.44
C TYR A 29 -13.85 7.37 -8.37
N LYS A 30 -13.46 6.73 -9.46
CA LYS A 30 -12.20 5.99 -9.53
C LYS A 30 -11.01 6.93 -9.43
N GLY A 31 -11.13 8.12 -10.00
CA GLY A 31 -10.06 9.11 -9.96
C GLY A 31 -9.80 9.57 -8.54
N ASN A 32 -10.87 9.65 -7.75
CA ASN A 32 -10.75 10.07 -6.37
C ASN A 32 -9.91 9.05 -5.62
N LEU A 33 -10.09 7.78 -5.94
CA LEU A 33 -9.34 6.72 -5.30
C LEU A 33 -7.87 6.89 -5.58
N ALA A 34 -7.53 7.21 -6.82
CA ALA A 34 -6.15 7.39 -7.19
C ALA A 34 -5.54 8.51 -6.36
N SER A 35 -6.31 9.57 -6.15
CA SER A 35 -5.85 10.69 -5.34
C SER A 35 -5.59 10.23 -3.92
N HIS A 36 -6.50 9.44 -3.38
CA HIS A 36 -6.38 8.90 -2.02
C HIS A 36 -5.30 7.83 -1.96
N LYS A 37 -5.16 7.04 -3.02
CA LYS A 37 -4.17 5.98 -3.05
C LYS A 37 -2.75 6.54 -3.01
N THR A 38 -2.50 7.64 -3.72
CA THR A 38 -1.18 8.25 -3.75
C THR A 38 -0.69 8.55 -2.33
N VAL A 39 -1.62 8.59 -1.38
CA VAL A 39 -1.31 8.88 0.02
C VAL A 39 -0.42 7.82 0.65
N HIS A 40 -0.72 6.55 0.40
CA HIS A 40 0.05 5.43 0.97
C HIS A 40 0.58 4.48 -0.11
N THR A 41 0.71 4.96 -1.35
CA THR A 41 1.21 4.13 -2.44
C THR A 41 2.67 3.74 -2.21
N GLY A 42 2.97 2.47 -2.44
CA GLY A 42 4.34 1.97 -2.27
C GLY A 42 4.50 0.60 -2.94
N GLU A 43 5.76 0.22 -3.17
CA GLU A 43 6.07 -1.07 -3.81
C GLU A 43 5.88 -2.22 -2.83
N LYS A 44 4.71 -2.30 -2.20
CA LYS A 44 4.42 -3.38 -1.25
C LYS A 44 2.97 -3.86 -1.39
N PRO A 45 2.65 -4.47 -2.51
CA PRO A 45 1.27 -4.99 -2.77
C PRO A 45 0.65 -5.69 -1.56
N TYR A 46 1.23 -6.81 -1.13
CA TYR A 46 0.71 -7.56 0.02
C TYR A 46 1.85 -8.07 0.90
N ARG A 47 1.62 -8.08 2.20
CA ARG A 47 2.62 -8.55 3.18
C ARG A 47 1.94 -9.39 4.25
N CYS A 48 2.58 -10.46 4.68
CA CYS A 48 2.02 -11.34 5.71
C CYS A 48 2.23 -10.75 7.11
N ASN A 49 1.13 -10.35 7.74
CA ASN A 49 1.18 -9.77 9.08
C ASN A 49 1.65 -10.81 10.10
N ILE A 50 1.26 -12.07 9.90
CA ILE A 50 1.62 -13.15 10.81
C ILE A 50 3.14 -13.36 10.83
N CYS A 51 3.77 -13.35 9.67
CA CYS A 51 5.22 -13.55 9.55
C CYS A 51 5.91 -12.27 9.12
N GLY A 52 5.70 -11.86 7.89
CA GLY A 52 6.31 -10.62 7.36
C GLY A 52 6.74 -10.77 5.90
N ALA A 53 6.40 -11.90 5.27
CA ALA A 53 6.78 -12.14 3.88
C ALA A 53 6.04 -11.21 2.92
N GLN A 54 6.74 -10.76 1.90
CA GLN A 54 6.16 -9.86 0.88
C GLN A 54 5.77 -10.66 -0.36
N PHE A 55 4.68 -10.25 -1.00
CA PHE A 55 4.19 -10.95 -2.20
C PHE A 55 3.85 -9.97 -3.32
N ASN A 56 4.06 -10.42 -4.56
CA ASN A 56 3.77 -9.60 -5.74
C ASN A 56 2.35 -9.88 -6.24
N ARG A 57 1.77 -10.97 -5.77
CA ARG A 57 0.40 -11.36 -6.16
C ARG A 57 -0.39 -11.92 -4.97
N PRO A 58 -1.67 -11.70 -4.89
CA PRO A 58 -2.50 -12.23 -3.77
C PRO A 58 -2.64 -13.75 -3.81
N ALA A 59 -2.58 -14.31 -5.01
CA ALA A 59 -2.70 -15.75 -5.18
C ALA A 59 -1.61 -16.46 -4.40
N ASN A 60 -0.39 -15.93 -4.47
CA ASN A 60 0.74 -16.52 -3.77
C ASN A 60 0.49 -16.45 -2.27
N LEU A 61 0.00 -15.33 -1.77
CA LEU A 61 -0.28 -15.16 -0.35
C LEU A 61 -1.41 -16.11 0.05
N LYS A 62 -2.46 -16.15 -0.77
CA LYS A 62 -3.61 -17.01 -0.49
C LYS A 62 -3.13 -18.41 -0.16
N THR A 63 -2.11 -18.86 -0.89
CA THR A 63 -1.54 -20.17 -0.67
C THR A 63 -0.84 -20.20 0.69
N HIS A 64 -0.29 -19.05 1.09
CA HIS A 64 0.40 -18.93 2.37
C HIS A 64 -0.63 -18.89 3.49
N THR A 65 -1.73 -18.20 3.24
CA THR A 65 -2.79 -18.08 4.25
C THR A 65 -3.30 -19.47 4.58
N ARG A 66 -3.31 -20.36 3.59
CA ARG A 66 -3.76 -21.73 3.78
C ARG A 66 -2.93 -22.41 4.87
N ILE A 67 -1.64 -22.10 4.93
CA ILE A 67 -0.76 -22.71 5.93
C ILE A 67 -1.21 -22.30 7.32
N HIS A 68 -1.56 -21.03 7.52
CA HIS A 68 -2.00 -20.55 8.82
C HIS A 68 -3.35 -21.17 9.18
N SER A 69 -4.21 -21.33 8.18
CA SER A 69 -5.53 -21.91 8.42
C SER A 69 -5.40 -23.34 8.91
N GLY A 70 -6.39 -23.81 9.67
CA GLY A 70 -6.38 -25.16 10.21
C GLY A 70 -7.18 -25.24 11.51
N GLU A 71 -7.76 -24.12 11.90
CA GLU A 71 -8.56 -24.06 13.13
C GLU A 71 -9.43 -22.81 13.15
N LYS A 72 -10.34 -22.73 14.12
CA LYS A 72 -11.24 -21.60 14.25
C LYS A 72 -11.99 -21.36 12.94
N PRO A 73 -12.93 -22.19 12.61
CA PRO A 73 -13.73 -22.07 11.36
C PRO A 73 -14.36 -20.68 11.21
N TYR A 74 -14.84 -20.12 12.31
CA TYR A 74 -15.47 -18.80 12.29
C TYR A 74 -14.44 -17.72 11.95
N MET A 11 -27.36 -0.49 0.06
CA MET A 11 -26.02 -1.14 0.17
C MET A 11 -25.54 -1.51 -1.23
N THR A 12 -26.10 -0.88 -2.26
CA THR A 12 -25.73 -1.15 -3.63
C THR A 12 -24.33 -0.62 -3.90
N HIS A 13 -23.53 -1.39 -4.64
CA HIS A 13 -22.17 -0.99 -4.96
C HIS A 13 -22.17 0.12 -6.01
N SER A 14 -23.29 0.30 -6.68
CA SER A 14 -23.43 1.32 -7.72
C SER A 14 -23.15 2.71 -7.17
N ASP A 15 -23.58 3.00 -5.94
CA ASP A 15 -23.37 4.31 -5.34
C ASP A 15 -21.89 4.52 -5.02
N LYS A 16 -21.23 3.51 -4.45
CA LYS A 16 -19.81 3.57 -4.10
C LYS A 16 -19.08 2.32 -4.61
N PRO A 17 -18.91 2.19 -5.88
CA PRO A 17 -18.21 1.01 -6.48
C PRO A 17 -16.70 1.11 -6.35
N TYR A 18 -16.20 2.31 -6.05
CA TYR A 18 -14.75 2.53 -5.92
C TYR A 18 -14.38 2.77 -4.47
N LYS A 19 -13.64 1.84 -3.87
CA LYS A 19 -13.21 1.97 -2.48
C LYS A 19 -11.78 1.47 -2.34
N CYS A 20 -11.01 2.13 -1.47
CA CYS A 20 -9.62 1.76 -1.26
C CYS A 20 -9.52 0.45 -0.49
N ASP A 21 -9.04 -0.59 -1.17
CA ASP A 21 -8.89 -1.90 -0.54
C ASP A 21 -7.85 -1.82 0.59
N ARG A 22 -7.01 -0.78 0.55
CA ARG A 22 -5.97 -0.60 1.56
C ARG A 22 -6.60 -0.32 2.92
N CYS A 23 -7.72 0.41 2.92
CA CYS A 23 -8.42 0.75 4.16
C CYS A 23 -9.92 0.55 3.98
N GLN A 24 -10.71 1.03 4.93
CA GLN A 24 -12.17 0.89 4.88
C GLN A 24 -12.83 2.06 4.14
N ALA A 25 -12.03 3.04 3.72
CA ALA A 25 -12.54 4.22 3.02
C ALA A 25 -13.35 3.82 1.78
N SER A 26 -14.24 4.71 1.34
CA SER A 26 -15.09 4.47 0.17
C SER A 26 -15.13 5.69 -0.73
N PHE A 27 -15.39 5.48 -2.02
CA PHE A 27 -15.44 6.58 -2.99
C PHE A 27 -16.40 6.27 -4.14
N ARG A 28 -17.03 7.32 -4.67
CA ARG A 28 -17.98 7.18 -5.77
C ARG A 28 -17.31 7.45 -7.11
N TYR A 29 -16.01 7.78 -7.08
CA TYR A 29 -15.26 8.06 -8.32
C TYR A 29 -13.91 7.36 -8.30
N LYS A 30 -13.55 6.74 -9.42
CA LYS A 30 -12.27 6.03 -9.55
C LYS A 30 -11.10 7.00 -9.49
N GLY A 31 -11.29 8.20 -10.03
CA GLY A 31 -10.24 9.21 -10.03
C GLY A 31 -9.92 9.65 -8.61
N ASN A 32 -10.95 9.71 -7.77
CA ASN A 32 -10.76 10.11 -6.39
C ASN A 32 -9.87 9.10 -5.70
N LEU A 33 -10.09 7.82 -5.99
CA LEU A 33 -9.30 6.75 -5.39
C LEU A 33 -7.85 6.90 -5.80
N ALA A 34 -7.61 7.22 -7.07
CA ALA A 34 -6.26 7.40 -7.57
C ALA A 34 -5.59 8.51 -6.80
N SER A 35 -6.34 9.57 -6.51
CA SER A 35 -5.80 10.71 -5.77
C SER A 35 -5.49 10.28 -4.33
N HIS A 36 -6.42 9.56 -3.71
CA HIS A 36 -6.26 9.08 -2.34
C HIS A 36 -5.14 8.03 -2.26
N LYS A 37 -5.10 7.14 -3.25
CA LYS A 37 -4.10 6.08 -3.27
C LYS A 37 -2.69 6.65 -3.13
N THR A 38 -2.50 7.94 -3.42
CA THR A 38 -1.20 8.57 -3.33
C THR A 38 -0.71 8.55 -1.89
N VAL A 39 -1.64 8.60 -0.94
CA VAL A 39 -1.34 8.61 0.48
C VAL A 39 -0.59 7.36 0.93
N HIS A 40 -1.03 6.19 0.49
CA HIS A 40 -0.40 4.92 0.88
C HIS A 40 1.01 4.80 0.30
N THR A 41 1.22 5.22 -0.94
CA THR A 41 2.53 5.12 -1.58
C THR A 41 3.55 6.02 -0.87
N GLY A 42 4.75 5.50 -0.68
CA GLY A 42 5.81 6.25 -0.03
C GLY A 42 7.12 5.48 -0.03
N GLU A 43 8.10 5.95 0.73
CA GLU A 43 9.40 5.30 0.81
C GLU A 43 9.27 3.92 1.43
N LYS A 44 10.26 3.06 1.22
CA LYS A 44 10.24 1.68 1.75
C LYS A 44 8.82 1.10 1.72
N PRO A 45 8.32 0.77 0.56
CA PRO A 45 6.94 0.22 0.40
C PRO A 45 6.65 -0.96 1.32
N TYR A 46 7.52 -1.96 1.36
CA TYR A 46 7.33 -3.12 2.23
C TYR A 46 8.63 -3.51 2.91
N ARG A 47 8.53 -3.90 4.18
CA ARG A 47 9.70 -4.31 4.97
C ARG A 47 9.34 -5.54 5.81
N CYS A 48 10.31 -6.44 5.99
CA CYS A 48 10.09 -7.66 6.76
C CYS A 48 10.20 -7.38 8.26
N ASN A 49 9.08 -7.52 8.96
CA ASN A 49 9.05 -7.30 10.40
C ASN A 49 9.92 -8.31 11.13
N ILE A 50 9.94 -9.55 10.65
CA ILE A 50 10.72 -10.61 11.26
C ILE A 50 12.21 -10.31 11.19
N CYS A 51 12.68 -9.84 10.04
CA CYS A 51 14.11 -9.53 9.84
C CYS A 51 14.31 -8.01 9.75
N GLY A 52 13.88 -7.42 8.65
CA GLY A 52 14.02 -5.97 8.45
C GLY A 52 14.41 -5.62 7.00
N ALA A 53 14.41 -6.61 6.11
CA ALA A 53 14.77 -6.38 4.72
C ALA A 53 13.74 -5.54 3.99
N GLN A 54 14.20 -4.63 3.15
CA GLN A 54 13.33 -3.74 2.38
C GLN A 54 13.06 -4.34 1.00
N PHE A 55 11.86 -4.13 0.47
CA PHE A 55 11.48 -4.66 -0.84
C PHE A 55 10.83 -3.59 -1.72
N ASN A 56 11.03 -3.72 -3.03
CA ASN A 56 10.46 -2.78 -4.00
C ASN A 56 9.13 -3.31 -4.53
N ARG A 57 8.87 -4.59 -4.30
CA ARG A 57 7.62 -5.22 -4.75
C ARG A 57 7.16 -6.29 -3.75
N PRO A 58 5.87 -6.48 -3.58
CA PRO A 58 5.35 -7.51 -2.63
C PRO A 58 5.66 -8.94 -3.09
N ALA A 59 5.80 -9.12 -4.40
CA ALA A 59 6.09 -10.44 -4.95
C ALA A 59 7.41 -10.95 -4.41
N ASN A 60 8.40 -10.08 -4.34
CA ASN A 60 9.71 -10.45 -3.83
C ASN A 60 9.62 -10.84 -2.36
N LEU A 61 8.83 -10.10 -1.60
CA LEU A 61 8.66 -10.37 -0.18
C LEU A 61 7.97 -11.73 -0.02
N LYS A 62 6.92 -11.95 -0.80
CA LYS A 62 6.17 -13.20 -0.75
C LYS A 62 7.14 -14.37 -0.82
N THR A 63 8.16 -14.23 -1.66
CA THR A 63 9.17 -15.26 -1.81
C THR A 63 9.96 -15.38 -0.51
N HIS A 64 10.16 -14.26 0.18
CA HIS A 64 10.87 -14.24 1.45
C HIS A 64 9.99 -14.81 2.55
N THR A 65 8.70 -14.51 2.48
CA THR A 65 7.76 -15.02 3.48
C THR A 65 7.77 -16.54 3.47
N ARG A 66 7.97 -17.10 2.27
CA ARG A 66 8.00 -18.54 2.11
C ARG A 66 9.11 -19.17 2.97
N ILE A 67 10.22 -18.45 3.13
CA ILE A 67 11.33 -18.92 3.94
C ILE A 67 10.89 -19.10 5.38
N HIS A 68 10.13 -18.14 5.91
CA HIS A 68 9.66 -18.22 7.29
C HIS A 68 8.67 -19.37 7.44
N SER A 69 7.83 -19.57 6.43
CA SER A 69 6.85 -20.65 6.46
C SER A 69 7.53 -22.00 6.29
N GLY A 70 8.56 -22.25 7.09
CA GLY A 70 9.29 -23.51 7.01
C GLY A 70 10.16 -23.71 8.26
N GLU A 71 9.58 -24.31 9.29
CA GLU A 71 10.30 -24.57 10.53
C GLU A 71 9.49 -25.46 11.46
N LYS A 72 8.73 -26.38 10.87
CA LYS A 72 7.90 -27.31 11.62
C LYS A 72 7.93 -28.70 10.99
N PRO A 73 9.10 -29.24 10.77
CA PRO A 73 9.26 -30.60 10.14
C PRO A 73 8.70 -31.71 11.03
N TYR A 74 8.19 -32.77 10.39
CA TYR A 74 7.63 -33.90 11.11
C TYR A 74 8.70 -34.55 11.99
#